data_5L2V
#
_entry.id   5L2V
#
_cell.length_a   61.575
_cell.length_b   139.712
_cell.length_c   90.591
_cell.angle_alpha   90.00
_cell.angle_beta   90.00
_cell.angle_gamma   90.00
#
_symmetry.space_group_name_H-M   'C 2 2 21'
#
loop_
_entity.id
_entity.type
_entity.pdbx_description
1 polymer 'Chitin-binding protein'
2 non-polymer 'COPPER (II) ION'
3 non-polymer 3,6,9,12,15,18-HEXAOXAICOSANE-1,20-DIOL
4 water water
#
_entity_poly.entity_id   1
_entity_poly.type   'polypeptide(L)'
_entity_poly.pdbx_seq_one_letter_code
;HGYISKPASRVYLANKGINVGVGSAQYEPQSVEAPKGFPISGPADGSIAGGGKYSLLDEQSASRWAKVDIESGPLTVEWT
LTAPHKTSSWQYFITKKGWDPNKPLTRSSLEPLATIEADGSVPNALAKQEINIPNDRSGYYLILGVWNIADTGNAFYQVI
DANIIN
;
_entity_poly.pdbx_strand_id   A,B
#
# COMPACT_ATOMS: atom_id res chain seq x y z
N HIS A 1 14.60 -7.14 -0.61
CA HIS A 1 14.36 -7.29 -2.06
C HIS A 1 14.51 -8.75 -2.48
N GLY A 2 13.56 -9.24 -3.27
CA GLY A 2 13.60 -10.61 -3.73
C GLY A 2 12.40 -10.96 -4.56
N TYR A 3 12.45 -12.12 -5.19
CA TYR A 3 11.41 -12.59 -6.08
C TYR A 3 11.30 -14.09 -5.98
N ILE A 4 10.17 -14.65 -6.45
CA ILE A 4 10.01 -16.11 -6.52
C ILE A 4 10.60 -16.61 -7.83
N SER A 5 11.66 -17.41 -7.69
CA SER A 5 12.38 -17.95 -8.84
C SER A 5 11.90 -19.35 -9.25
N LYS A 6 11.21 -20.07 -8.35
CA LYS A 6 10.68 -21.41 -8.68
C LYS A 6 9.49 -21.68 -7.76
N PRO A 7 8.27 -21.85 -8.30
N PRO A 7 8.28 -21.90 -8.31
CA PRO A 7 7.86 -21.71 -9.69
CA PRO A 7 7.87 -21.70 -9.70
C PRO A 7 7.99 -20.25 -10.12
C PRO A 7 8.09 -20.24 -10.08
N ALA A 8 8.59 -20.01 -11.28
CA ALA A 8 8.94 -18.64 -11.69
C ALA A 8 7.74 -17.70 -11.67
N SER A 9 7.91 -16.56 -11.02
CA SER A 9 6.86 -15.57 -10.95
C SER A 9 6.67 -14.87 -12.30
N ARG A 10 5.54 -14.18 -12.42
CA ARG A 10 5.23 -13.43 -13.63
C ARG A 10 6.32 -12.43 -13.97
N VAL A 11 6.75 -11.67 -12.99
CA VAL A 11 7.80 -10.67 -13.22
C VAL A 11 9.18 -11.30 -13.45
N TYR A 12 9.48 -12.40 -12.80
CA TYR A 12 10.75 -13.10 -13.08
C TYR A 12 10.75 -13.63 -14.51
N LEU A 13 9.65 -14.20 -14.97
CA LEU A 13 9.56 -14.61 -16.36
C LEU A 13 9.69 -13.44 -17.32
N ALA A 14 9.22 -12.24 -16.96
CA ALA A 14 9.47 -11.04 -17.75
C ALA A 14 10.96 -10.69 -17.79
N ASN A 15 11.62 -10.80 -16.64
CA ASN A 15 13.08 -10.56 -16.57
C ASN A 15 13.86 -11.50 -17.49
N LYS A 16 13.34 -12.70 -17.72
CA LYS A 16 13.99 -13.71 -18.56
C LYS A 16 13.39 -13.77 -19.96
N GLY A 17 12.59 -12.77 -20.34
CA GLY A 17 12.13 -12.63 -21.72
C GLY A 17 10.97 -13.53 -22.13
N ILE A 18 10.41 -14.27 -21.18
CA ILE A 18 9.34 -15.23 -21.45
C ILE A 18 7.98 -14.51 -21.43
N ASN A 19 7.77 -13.62 -20.46
CA ASN A 19 6.68 -12.66 -20.55
C ASN A 19 7.25 -11.41 -21.19
N VAL A 20 6.41 -10.68 -21.92
CA VAL A 20 6.79 -9.46 -22.60
C VAL A 20 5.80 -8.35 -22.24
N GLY A 21 6.19 -7.13 -22.55
CA GLY A 21 5.29 -5.99 -22.46
C GLY A 21 5.03 -5.48 -21.06
N VAL A 22 5.99 -5.61 -20.15
CA VAL A 22 5.80 -5.09 -18.78
C VAL A 22 6.65 -3.87 -18.44
N GLY A 23 7.35 -3.32 -19.43
CA GLY A 23 8.06 -2.07 -19.22
C GLY A 23 9.14 -2.20 -18.17
N SER A 24 9.22 -1.20 -17.29
CA SER A 24 10.32 -1.10 -16.35
C SER A 24 10.40 -2.26 -15.36
N ALA A 25 9.28 -2.97 -15.15
CA ALA A 25 9.28 -4.10 -14.23
C ALA A 25 10.27 -5.18 -14.64
N GLN A 26 10.52 -5.30 -15.93
CA GLN A 26 11.36 -6.40 -16.41
C GLN A 26 12.77 -6.35 -15.80
N TYR A 27 13.25 -5.16 -15.44
CA TYR A 27 14.61 -5.01 -14.90
C TYR A 27 14.69 -5.18 -13.40
N GLU A 28 13.55 -5.20 -12.70
CA GLU A 28 13.56 -5.25 -11.23
C GLU A 28 12.53 -6.21 -10.67
N PRO A 29 12.65 -7.49 -11.04
CA PRO A 29 11.72 -8.47 -10.45
C PRO A 29 11.77 -8.50 -8.92
N GLN A 30 12.91 -8.14 -8.33
CA GLN A 30 13.13 -8.09 -6.90
C GLN A 30 12.50 -6.90 -6.19
N SER A 31 11.89 -5.96 -6.93
CA SER A 31 11.49 -4.68 -6.36
C SER A 31 9.99 -4.42 -6.39
N VAL A 32 9.18 -5.48 -6.32
CA VAL A 32 7.72 -5.30 -6.31
C VAL A 32 7.29 -5.10 -4.85
N GLU A 33 7.61 -3.92 -4.34
CA GLU A 33 7.55 -3.57 -2.92
C GLU A 33 6.32 -2.71 -2.66
N ALA A 34 5.55 -3.07 -1.65
CA ALA A 34 4.34 -2.33 -1.28
C ALA A 34 4.10 -2.57 0.20
N PRO A 35 3.07 -1.93 0.78
CA PRO A 35 2.85 -2.12 2.21
C PRO A 35 2.54 -3.56 2.58
N LYS A 36 2.99 -3.98 3.77
CA LYS A 36 2.61 -5.26 4.35
C LYS A 36 1.20 -5.19 4.94
N GLY A 37 0.75 -6.29 5.54
CA GLY A 37 -0.58 -6.38 6.15
C GLY A 37 -1.68 -6.85 5.23
N PHE A 38 -1.34 -7.37 4.06
CA PHE A 38 -2.32 -7.97 3.16
C PHE A 38 -3.00 -9.13 3.90
N PRO A 39 -4.33 -9.35 3.75
CA PRO A 39 -5.22 -8.73 2.76
C PRO A 39 -6.00 -7.51 3.24
N ILE A 40 -5.52 -6.80 4.29
CA ILE A 40 -6.09 -5.50 4.65
C ILE A 40 -5.27 -4.45 3.92
N SER A 41 -4.20 -3.95 4.54
CA SER A 41 -3.31 -3.00 3.89
C SER A 41 -2.55 -3.69 2.76
N GLY A 42 -1.84 -2.88 1.98
CA GLY A 42 -1.16 -3.37 0.79
C GLY A 42 -1.65 -2.71 -0.46
N PRO A 43 -1.21 -3.25 -1.61
CA PRO A 43 -1.66 -2.75 -2.91
C PRO A 43 -3.18 -2.73 -3.05
N ALA A 44 -3.68 -1.79 -3.83
CA ALA A 44 -5.10 -1.67 -4.06
C ALA A 44 -5.59 -2.82 -4.93
N ASP A 45 -6.87 -3.16 -4.77
CA ASP A 45 -7.54 -4.09 -5.70
C ASP A 45 -7.30 -3.62 -7.14
N GLY A 46 -6.96 -4.57 -8.00
CA GLY A 46 -6.63 -4.28 -9.38
C GLY A 46 -5.18 -3.88 -9.66
N SER A 47 -4.40 -3.66 -8.60
CA SER A 47 -3.00 -3.27 -8.67
C SER A 47 -2.13 -4.16 -7.77
N ILE A 48 -2.58 -5.37 -7.48
CA ILE A 48 -1.86 -6.27 -6.59
C ILE A 48 -0.64 -6.89 -7.28
N ALA A 49 -0.81 -7.39 -8.51
CA ALA A 49 0.30 -8.04 -9.22
C ALA A 49 1.50 -7.13 -9.44
N GLY A 50 1.26 -5.84 -9.67
CA GLY A 50 2.34 -4.86 -9.85
C GLY A 50 2.73 -4.14 -8.58
N GLY A 51 2.12 -4.50 -7.46
CA GLY A 51 2.48 -3.92 -6.18
C GLY A 51 2.20 -2.45 -6.05
N GLY A 52 1.30 -1.90 -6.87
CA GLY A 52 1.13 -0.44 -6.93
C GLY A 52 2.29 0.33 -7.52
N LYS A 53 3.19 -0.38 -8.17
CA LYS A 53 4.42 0.17 -8.69
C LYS A 53 4.57 -0.04 -10.19
N TYR A 54 4.09 -1.18 -10.70
CA TYR A 54 4.33 -1.62 -12.08
C TYR A 54 2.99 -1.97 -12.72
N SER A 55 2.30 -0.97 -13.25
CA SER A 55 0.91 -1.18 -13.66
C SER A 55 0.76 -2.16 -14.83
N LEU A 56 1.80 -2.36 -15.64
CA LEU A 56 1.65 -3.29 -16.75
C LEU A 56 1.53 -4.74 -16.28
N LEU A 57 2.03 -5.05 -15.08
CA LEU A 57 1.83 -6.37 -14.48
C LEU A 57 0.38 -6.65 -14.10
N ASP A 58 -0.46 -5.62 -14.05
CA ASP A 58 -1.85 -5.78 -13.61
C ASP A 58 -2.83 -6.19 -14.70
N GLU A 59 -2.39 -6.23 -15.95
N GLU A 59 -2.40 -6.22 -15.96
CA GLU A 59 -3.24 -6.75 -17.03
CA GLU A 59 -3.26 -6.72 -17.02
C GLU A 59 -3.63 -8.19 -16.70
C GLU A 59 -3.62 -8.18 -16.74
N GLN A 60 -4.83 -8.60 -17.11
CA GLN A 60 -5.31 -9.94 -16.83
C GLN A 60 -6.26 -10.42 -17.91
N SER A 61 -5.83 -11.44 -18.65
CA SER A 61 -6.69 -12.16 -19.58
C SER A 61 -6.25 -13.61 -19.62
N ALA A 62 -7.07 -14.45 -20.26
CA ALA A 62 -6.75 -15.86 -20.37
C ALA A 62 -5.40 -16.13 -21.03
N SER A 63 -5.03 -15.30 -22.02
CA SER A 63 -3.85 -15.54 -22.84
C SER A 63 -2.67 -14.64 -22.54
N ARG A 64 -2.82 -13.68 -21.63
CA ARG A 64 -1.79 -12.65 -21.46
C ARG A 64 -0.43 -13.17 -21.00
N TRP A 65 -0.43 -14.14 -20.09
CA TRP A 65 0.77 -14.51 -19.34
C TRP A 65 1.19 -15.95 -19.57
N ALA A 66 2.50 -16.18 -19.57
CA ALA A 66 3.04 -17.54 -19.60
C ALA A 66 2.73 -18.28 -18.31
N LYS A 67 2.34 -19.54 -18.42
CA LYS A 67 1.89 -20.31 -17.27
C LYS A 67 2.89 -21.38 -16.91
N VAL A 68 3.18 -21.52 -15.62
CA VAL A 68 4.16 -22.45 -15.11
C VAL A 68 3.45 -23.74 -14.69
N ASP A 69 3.93 -24.87 -15.20
CA ASP A 69 3.34 -26.15 -14.87
C ASP A 69 3.67 -26.54 -13.43
N ILE A 70 2.63 -26.84 -12.66
CA ILE A 70 2.78 -27.24 -11.27
C ILE A 70 1.84 -28.42 -11.04
N GLU A 71 2.39 -29.57 -10.71
CA GLU A 71 1.57 -30.72 -10.36
C GLU A 71 1.00 -30.57 -8.95
N SER A 72 -0.21 -31.05 -8.76
CA SER A 72 -0.81 -31.05 -7.43
C SER A 72 0.03 -31.88 -6.46
N GLY A 73 -0.02 -31.47 -5.20
CA GLY A 73 0.76 -32.09 -4.14
C GLY A 73 1.74 -31.10 -3.49
N PRO A 74 2.65 -31.61 -2.66
CA PRO A 74 3.64 -30.76 -2.00
C PRO A 74 4.49 -29.99 -3.01
N LEU A 75 4.79 -28.73 -2.68
CA LEU A 75 5.63 -27.89 -3.52
C LEU A 75 6.54 -27.08 -2.62
N THR A 76 7.83 -27.03 -2.95
CA THR A 76 8.75 -26.14 -2.27
C THR A 76 8.92 -24.89 -3.13
N VAL A 77 8.43 -23.77 -2.63
CA VAL A 77 8.59 -22.47 -3.29
C VAL A 77 9.97 -21.92 -2.92
N GLU A 78 10.66 -21.40 -3.93
CA GLU A 78 12.00 -20.80 -3.77
C GLU A 78 11.98 -19.32 -4.07
N TRP A 79 12.39 -18.52 -3.08
CA TRP A 79 12.62 -17.09 -3.28
C TRP A 79 14.13 -16.85 -3.40
N THR A 80 14.47 -16.06 -4.41
CA THR A 80 15.82 -15.50 -4.55
C THR A 80 15.78 -14.13 -3.88
N LEU A 81 16.53 -13.98 -2.80
CA LEU A 81 16.58 -12.72 -2.06
C LEU A 81 17.85 -11.98 -2.43
N THR A 82 17.70 -10.95 -3.23
CA THR A 82 18.85 -10.12 -3.61
C THR A 82 19.33 -9.27 -2.42
N ALA A 83 18.43 -8.99 -1.48
CA ALA A 83 18.79 -8.31 -0.23
C ALA A 83 17.95 -8.92 0.89
N PRO A 84 18.45 -9.97 1.55
CA PRO A 84 17.72 -10.57 2.66
C PRO A 84 17.44 -9.54 3.77
N HIS A 85 16.27 -9.63 4.39
CA HIS A 85 15.86 -8.76 5.49
C HIS A 85 15.19 -9.59 6.57
N LYS A 86 15.18 -9.07 7.79
CA LYS A 86 14.39 -9.65 8.87
C LYS A 86 12.94 -9.88 8.40
N THR A 87 12.40 -11.07 8.68
CA THR A 87 11.15 -11.53 8.06
C THR A 87 10.12 -11.86 9.14
N SER A 88 8.88 -11.40 8.94
CA SER A 88 7.78 -11.76 9.85
C SER A 88 6.86 -12.87 9.34
N SER A 89 6.67 -13.01 8.03
CA SER A 89 5.86 -14.13 7.50
C SER A 89 6.00 -14.20 6.00
N TRP A 90 5.60 -15.37 5.49
CA TRP A 90 5.43 -15.64 4.07
C TRP A 90 3.97 -16.04 3.89
N GLN A 91 3.23 -15.31 3.07
CA GLN A 91 1.82 -15.63 2.84
C GLN A 91 1.61 -16.06 1.41
N TYR A 92 0.72 -17.04 1.23
CA TYR A 92 0.35 -17.52 -0.08
C TYR A 92 -1.18 -17.53 -0.19
N PHE A 93 -1.65 -17.03 -1.33
CA PHE A 93 -3.09 -17.01 -1.70
C PHE A 93 -3.23 -17.64 -3.06
N ILE A 94 -4.43 -18.13 -3.36
CA ILE A 94 -4.74 -18.67 -4.67
C ILE A 94 -6.09 -18.13 -5.10
N THR A 95 -6.29 -17.94 -6.40
CA THR A 95 -7.62 -17.59 -6.86
C THR A 95 -8.61 -18.72 -6.55
N LYS A 96 -9.84 -18.30 -6.24
CA LYS A 96 -10.91 -19.27 -5.91
C LYS A 96 -11.24 -20.15 -7.11
N LYS A 97 -11.69 -21.38 -6.83
N LYS A 97 -11.69 -21.37 -6.83
CA LYS A 97 -12.28 -22.20 -7.87
CA LYS A 97 -12.25 -22.21 -7.86
C LYS A 97 -13.44 -21.44 -8.50
C LYS A 97 -13.43 -21.48 -8.50
N GLY A 98 -13.43 -21.36 -9.82
CA GLY A 98 -14.44 -20.60 -10.54
C GLY A 98 -14.05 -19.18 -10.86
N TRP A 99 -12.83 -18.75 -10.50
CA TRP A 99 -12.42 -17.37 -10.73
C TRP A 99 -12.46 -17.01 -12.23
N ASP A 100 -12.54 -15.72 -12.51
CA ASP A 100 -12.63 -15.23 -13.89
C ASP A 100 -11.23 -14.79 -14.36
N PRO A 101 -10.62 -15.55 -15.30
CA PRO A 101 -9.25 -15.23 -15.73
C PRO A 101 -9.13 -14.01 -16.61
N ASN A 102 -10.26 -13.37 -16.93
CA ASN A 102 -10.28 -12.17 -17.72
C ASN A 102 -10.59 -10.90 -16.93
N LYS A 103 -10.59 -10.99 -15.59
CA LYS A 103 -10.87 -9.84 -14.73
C LYS A 103 -9.67 -9.49 -13.85
N PRO A 104 -9.59 -8.24 -13.40
CA PRO A 104 -8.47 -7.85 -12.53
C PRO A 104 -8.40 -8.65 -11.22
N LEU A 105 -7.18 -8.80 -10.70
CA LEU A 105 -6.95 -9.45 -9.43
C LEU A 105 -7.33 -8.52 -8.26
N THR A 106 -8.21 -9.01 -7.39
CA THR A 106 -8.66 -8.27 -6.20
C THR A 106 -8.63 -9.19 -4.98
N ARG A 107 -8.77 -8.61 -3.79
CA ARG A 107 -8.87 -9.42 -2.58
C ARG A 107 -9.99 -10.46 -2.66
N SER A 108 -11.16 -10.05 -3.17
CA SER A 108 -12.30 -10.95 -3.25
C SER A 108 -12.09 -12.11 -4.22
N SER A 109 -11.13 -11.97 -5.14
N SER A 109 -11.16 -12.01 -5.15
CA SER A 109 -10.79 -13.03 -6.09
CA SER A 109 -10.94 -13.13 -6.06
C SER A 109 -10.13 -14.22 -5.42
C SER A 109 -10.08 -14.23 -5.46
N LEU A 110 -9.48 -13.98 -4.28
CA LEU A 110 -8.55 -14.90 -3.66
C LEU A 110 -9.13 -15.67 -2.48
N GLU A 111 -8.40 -16.71 -2.09
CA GLU A 111 -8.59 -17.42 -0.84
C GLU A 111 -7.21 -17.74 -0.29
N PRO A 112 -7.09 -18.01 1.02
CA PRO A 112 -5.79 -18.42 1.55
C PRO A 112 -5.33 -19.78 1.01
N LEU A 113 -4.03 -19.88 0.79
CA LEU A 113 -3.38 -21.13 0.37
C LEU A 113 -2.48 -21.67 1.48
N ALA A 114 -1.60 -20.82 2.03
CA ALA A 114 -0.71 -21.23 3.12
C ALA A 114 -0.12 -20.00 3.75
N THR A 115 0.21 -20.08 5.03
CA THR A 115 1.01 -19.03 5.69
C THR A 115 2.11 -19.69 6.47
N ILE A 116 3.33 -19.20 6.27
CA ILE A 116 4.49 -19.65 7.05
C ILE A 116 4.93 -18.45 7.89
N GLU A 117 4.58 -18.46 9.18
CA GLU A 117 5.03 -17.41 10.08
C GLU A 117 6.52 -17.53 10.35
N ALA A 118 7.16 -16.39 10.61
CA ALA A 118 8.59 -16.31 10.86
C ALA A 118 8.85 -15.55 12.16
N ASP A 119 10.06 -15.75 12.71
CA ASP A 119 10.39 -15.21 14.04
C ASP A 119 11.17 -13.90 13.99
N GLY A 120 11.24 -13.26 12.83
CA GLY A 120 12.02 -12.04 12.67
C GLY A 120 13.42 -12.27 12.14
N SER A 121 13.86 -13.52 12.01
CA SER A 121 15.20 -13.80 11.54
C SER A 121 15.36 -13.43 10.07
N VAL A 122 16.62 -13.13 9.72
CA VAL A 122 17.02 -12.92 8.33
C VAL A 122 17.17 -14.29 7.67
N PRO A 123 16.40 -14.60 6.60
CA PRO A 123 16.49 -15.89 5.95
C PRO A 123 17.72 -16.02 5.06
N ASN A 124 17.99 -17.26 4.68
CA ASN A 124 18.96 -17.58 3.63
C ASN A 124 18.58 -16.85 2.33
N ALA A 125 19.58 -16.50 1.54
CA ALA A 125 19.35 -15.83 0.26
C ALA A 125 18.61 -16.70 -0.76
N LEU A 126 18.59 -18.01 -0.55
CA LEU A 126 17.65 -18.89 -1.26
C LEU A 126 16.69 -19.39 -0.18
N ALA A 127 15.54 -18.72 -0.08
CA ALA A 127 14.59 -18.93 1.02
C ALA A 127 13.47 -19.82 0.51
N LYS A 128 13.19 -20.89 1.24
CA LYS A 128 12.26 -21.92 0.77
C LYS A 128 11.13 -22.12 1.75
N GLN A 129 9.91 -22.28 1.22
CA GLN A 129 8.73 -22.64 2.03
C GLN A 129 8.00 -23.78 1.34
N GLU A 130 7.48 -24.69 2.18
N GLU A 130 7.49 -24.70 2.15
CA GLU A 130 6.71 -25.83 1.71
CA GLU A 130 6.76 -25.87 1.65
C GLU A 130 5.23 -25.43 1.74
C GLU A 130 5.25 -25.65 1.77
N ILE A 131 4.54 -25.64 0.63
CA ILE A 131 3.09 -25.47 0.55
C ILE A 131 2.48 -26.69 -0.14
N ASN A 132 1.14 -26.76 -0.13
N ASN A 132 1.15 -26.78 -0.09
CA ASN A 132 0.43 -27.86 -0.76
CA ASN A 132 0.42 -27.86 -0.76
C ASN A 132 -0.45 -27.36 -1.89
C ASN A 132 -0.41 -27.31 -1.89
N ILE A 133 -0.15 -27.80 -3.11
CA ILE A 133 -0.94 -27.42 -4.28
C ILE A 133 -2.15 -28.36 -4.32
N PRO A 134 -3.37 -27.80 -4.31
CA PRO A 134 -4.54 -28.68 -4.16
C PRO A 134 -4.82 -29.49 -5.40
N ASN A 135 -5.55 -30.59 -5.20
CA ASN A 135 -6.00 -31.43 -6.30
C ASN A 135 -7.51 -31.36 -6.52
N ASP A 136 -8.15 -30.32 -5.96
CA ASP A 136 -9.58 -30.04 -6.15
C ASP A 136 -9.86 -29.18 -7.39
N ARG A 137 -8.84 -28.95 -8.21
CA ARG A 137 -8.93 -28.01 -9.29
C ARG A 137 -7.81 -28.33 -10.29
N SER A 138 -7.96 -27.81 -11.49
N SER A 138 -7.97 -27.80 -11.50
CA SER A 138 -6.98 -28.03 -12.55
CA SER A 138 -7.07 -28.06 -12.61
C SER A 138 -6.94 -26.82 -13.47
C SER A 138 -6.93 -26.79 -13.43
N GLY A 139 -5.77 -26.58 -14.04
CA GLY A 139 -5.61 -25.51 -15.01
C GLY A 139 -5.16 -24.20 -14.38
N TYR A 140 -5.57 -23.12 -15.04
CA TYR A 140 -4.99 -21.80 -14.75
C TYR A 140 -5.55 -21.19 -13.47
N TYR A 141 -4.64 -20.95 -12.51
CA TYR A 141 -4.92 -20.26 -11.25
C TYR A 141 -3.79 -19.26 -11.00
N LEU A 142 -4.09 -18.14 -10.37
CA LEU A 142 -3.03 -17.28 -9.85
C LEU A 142 -2.67 -17.71 -8.46
N ILE A 143 -1.36 -17.76 -8.16
CA ILE A 143 -0.87 -17.92 -6.81
C ILE A 143 -0.13 -16.64 -6.45
N LEU A 144 -0.53 -15.98 -5.37
CA LEU A 144 0.15 -14.78 -4.90
C LEU A 144 1.01 -15.14 -3.70
N GLY A 145 2.32 -14.93 -3.83
CA GLY A 145 3.24 -15.04 -2.69
C GLY A 145 3.60 -13.66 -2.18
N VAL A 146 3.64 -13.52 -0.86
CA VAL A 146 3.93 -12.26 -0.21
C VAL A 146 5.01 -12.50 0.85
N TRP A 147 6.11 -11.75 0.75
CA TRP A 147 7.21 -11.78 1.74
C TRP A 147 7.11 -10.53 2.60
N ASN A 148 6.76 -10.70 3.88
CA ASN A 148 6.55 -9.58 4.80
C ASN A 148 7.79 -9.31 5.62
N ILE A 149 8.21 -8.05 5.61
CA ILE A 149 9.43 -7.62 6.28
C ILE A 149 9.11 -7.21 7.72
N ALA A 150 9.92 -7.71 8.66
CA ALA A 150 9.63 -7.52 10.09
C ALA A 150 9.83 -6.10 10.58
N ASP A 151 10.87 -5.43 10.05
CA ASP A 151 11.37 -4.17 10.60
C ASP A 151 11.09 -2.94 9.73
N THR A 152 10.20 -3.09 8.76
CA THR A 152 9.69 -1.98 7.99
C THR A 152 8.17 -2.20 7.82
N GLY A 153 7.49 -1.23 7.23
CA GLY A 153 6.09 -1.39 6.87
C GLY A 153 5.82 -2.11 5.56
N ASN A 154 6.84 -2.73 4.96
CA ASN A 154 6.75 -3.23 3.61
C ASN A 154 6.83 -4.74 3.41
N ALA A 155 6.49 -5.12 2.19
CA ALA A 155 6.40 -6.49 1.74
C ALA A 155 6.69 -6.54 0.25
N PHE A 156 7.00 -7.74 -0.23
CA PHE A 156 7.25 -7.99 -1.64
C PHE A 156 6.21 -8.95 -2.18
N TYR A 157 5.64 -8.57 -3.32
CA TYR A 157 4.47 -9.24 -3.91
C TYR A 157 4.86 -9.96 -5.21
N GLN A 158 4.58 -11.26 -5.27
CA GLN A 158 5.02 -12.12 -6.38
C GLN A 158 3.87 -12.99 -6.84
N VAL A 159 3.15 -12.53 -7.87
N VAL A 159 3.18 -12.53 -7.89
CA VAL A 159 2.11 -13.36 -8.47
CA VAL A 159 2.13 -13.33 -8.56
C VAL A 159 2.76 -14.36 -9.44
C VAL A 159 2.76 -14.35 -9.49
N ILE A 160 2.25 -15.58 -9.43
CA ILE A 160 2.63 -16.69 -10.29
C ILE A 160 1.40 -17.07 -11.11
N ASP A 161 1.59 -17.24 -12.41
CA ASP A 161 0.57 -17.78 -13.30
C ASP A 161 0.75 -19.28 -13.35
N ALA A 162 -0.05 -20.00 -12.57
CA ALA A 162 0.11 -21.45 -12.42
C ALA A 162 -0.81 -22.21 -13.34
N ASN A 163 -0.30 -23.32 -13.88
CA ASN A 163 -1.13 -24.34 -14.52
C ASN A 163 -1.08 -25.58 -13.62
N ILE A 164 -2.14 -25.80 -12.84
CA ILE A 164 -2.19 -26.91 -11.91
C ILE A 164 -2.57 -28.19 -12.67
N ILE A 165 -1.71 -29.20 -12.60
CA ILE A 165 -1.87 -30.42 -13.38
C ILE A 165 -2.09 -31.59 -12.47
N ASN A 166 -3.12 -32.38 -12.82
CA ASN A 166 -3.36 -33.65 -12.16
C ASN A 166 -4.13 -34.60 -13.03
N HIS B 1 0.95 14.10 -7.95
CA HIS B 1 1.82 14.51 -6.81
C HIS B 1 1.28 15.80 -6.21
N GLY B 2 1.22 15.82 -4.88
CA GLY B 2 0.70 17.00 -4.21
C GLY B 2 0.72 16.81 -2.71
N TYR B 3 0.48 17.92 -2.01
CA TYR B 3 0.51 17.95 -0.56
C TYR B 3 -0.49 18.97 -0.03
N ILE B 4 -0.80 18.87 1.26
CA ILE B 4 -1.71 19.84 1.90
C ILE B 4 -0.88 21.02 2.39
N SER B 5 -1.11 22.18 1.78
CA SER B 5 -0.41 23.40 2.12
C SER B 5 -1.09 24.24 3.20
N LYS B 6 -2.39 24.06 3.40
CA LYS B 6 -3.12 24.80 4.45
C LYS B 6 -4.35 23.98 4.87
N PRO B 7 -4.47 23.60 6.16
N PRO B 7 -4.47 23.62 6.17
CA PRO B 7 -3.47 23.69 7.22
CA PRO B 7 -3.47 23.72 7.25
C PRO B 7 -2.23 22.89 6.83
C PRO B 7 -2.25 22.85 6.94
N ALA B 8 -1.06 23.43 7.08
CA ALA B 8 0.17 22.80 6.62
C ALA B 8 0.35 21.39 7.17
N SER B 9 0.63 20.44 6.27
CA SER B 9 0.84 19.06 6.69
C SER B 9 2.19 18.90 7.40
N ARG B 10 2.33 17.77 8.08
CA ARG B 10 3.56 17.44 8.79
C ARG B 10 4.77 17.51 7.84
N VAL B 11 4.64 16.88 6.67
CA VAL B 11 5.76 16.87 5.73
C VAL B 11 5.99 18.22 5.07
N TYR B 12 4.93 18.99 4.82
CA TYR B 12 5.13 20.34 4.31
C TYR B 12 5.83 21.23 5.33
N LEU B 13 5.46 21.12 6.61
CA LEU B 13 6.21 21.83 7.66
C LEU B 13 7.68 21.39 7.72
N ALA B 14 7.95 20.12 7.47
CA ALA B 14 9.36 19.69 7.34
C ALA B 14 10.06 20.35 6.15
N ASN B 15 9.37 20.48 5.02
CA ASN B 15 9.91 21.18 3.85
C ASN B 15 10.27 22.63 4.19
N LYS B 16 9.46 23.28 5.02
CA LYS B 16 9.70 24.64 5.48
C LYS B 16 10.69 24.75 6.64
N GLY B 17 11.22 23.63 7.14
CA GLY B 17 12.19 23.62 8.23
C GLY B 17 11.59 23.79 9.62
N ILE B 18 10.26 23.75 9.71
CA ILE B 18 9.54 23.89 10.99
C ILE B 18 9.53 22.56 11.74
N ASN B 19 9.21 21.48 11.04
CA ASN B 19 9.52 20.15 11.56
C ASN B 19 10.93 19.79 11.15
N VAL B 20 11.59 19.00 11.99
CA VAL B 20 12.97 18.59 11.79
C VAL B 20 13.10 17.06 11.87
N GLY B 21 14.20 16.56 11.33
CA GLY B 21 14.56 15.15 11.48
C GLY B 21 13.76 14.14 10.69
N VAL B 22 13.33 14.49 9.47
CA VAL B 22 12.54 13.55 8.66
C VAL B 22 13.23 13.02 7.39
N GLY B 23 14.50 13.35 7.23
CA GLY B 23 15.30 12.78 6.15
C GLY B 23 14.82 13.25 4.79
N SER B 24 14.85 12.36 3.80
CA SER B 24 14.55 12.74 2.41
C SER B 24 13.14 13.28 2.20
N ALA B 25 12.21 12.95 3.11
CA ALA B 25 10.85 13.46 3.04
C ALA B 25 10.83 14.98 2.97
N GLN B 26 11.80 15.67 3.61
CA GLN B 26 11.72 17.13 3.67
C GLN B 26 11.77 17.77 2.30
N TYR B 27 12.43 17.12 1.35
CA TYR B 27 12.59 17.70 0.01
C TYR B 27 11.47 17.35 -0.94
N GLU B 28 10.58 16.42 -0.56
CA GLU B 28 9.55 15.95 -1.49
C GLU B 28 8.22 15.75 -0.76
N PRO B 29 7.68 16.85 -0.20
CA PRO B 29 6.39 16.75 0.48
C PRO B 29 5.25 16.25 -0.42
N GLN B 30 5.40 16.45 -1.73
CA GLN B 30 4.44 16.03 -2.74
C GLN B 30 4.43 14.56 -3.08
N SER B 31 5.36 13.79 -2.51
CA SER B 31 5.63 12.42 -2.96
C SER B 31 5.27 11.32 -1.98
N VAL B 32 4.34 11.60 -1.07
CA VAL B 32 3.91 10.59 -0.09
C VAL B 32 2.83 9.74 -0.75
N GLU B 33 3.27 8.89 -1.67
CA GLU B 33 2.40 8.10 -2.55
C GLU B 33 2.34 6.66 -2.07
N ALA B 34 1.11 6.13 -1.99
CA ALA B 34 0.89 4.75 -1.55
C ALA B 34 -0.41 4.26 -2.17
N PRO B 35 -0.77 2.98 -1.95
CA PRO B 35 -2.01 2.52 -2.58
C PRO B 35 -3.25 3.24 -2.10
N LYS B 36 -4.22 3.39 -3.00
CA LYS B 36 -5.54 3.90 -2.65
C LYS B 36 -6.38 2.80 -2.01
N GLY B 37 -7.62 3.13 -1.67
CA GLY B 37 -8.54 2.20 -1.02
C GLY B 37 -8.52 2.18 0.50
N PHE B 38 -7.89 3.19 1.10
CA PHE B 38 -7.90 3.32 2.56
C PHE B 38 -9.36 3.46 3.03
N PRO B 39 -9.76 2.85 4.16
CA PRO B 39 -8.94 2.22 5.20
C PRO B 39 -8.76 0.72 5.05
N ILE B 40 -8.95 0.18 3.84
CA ILE B 40 -8.61 -1.24 3.58
C ILE B 40 -7.18 -1.26 3.09
N SER B 41 -7.00 -1.20 1.77
CA SER B 41 -5.66 -1.10 1.20
C SER B 41 -5.02 0.23 1.54
N GLY B 42 -3.74 0.36 1.19
CA GLY B 42 -2.96 1.53 1.56
C GLY B 42 -1.79 1.17 2.46
N PRO B 43 -1.11 2.20 2.99
CA PRO B 43 -0.01 2.01 3.92
C PRO B 43 -0.37 1.14 5.10
N ALA B 44 0.60 0.40 5.62
CA ALA B 44 0.36 -0.45 6.78
C ALA B 44 0.18 0.39 8.04
N ASP B 45 -0.58 -0.18 8.98
CA ASP B 45 -0.68 0.43 10.30
C ASP B 45 0.73 0.72 10.84
N GLY B 46 0.91 1.92 11.40
CA GLY B 46 2.23 2.34 11.88
C GLY B 46 3.13 3.00 10.84
N SER B 47 2.72 2.94 9.56
CA SER B 47 3.46 3.50 8.44
C SER B 47 2.57 4.36 7.55
N ILE B 48 1.50 4.89 8.12
CA ILE B 48 0.55 5.70 7.37
C ILE B 48 1.07 7.10 7.09
N ALA B 49 1.62 7.78 8.10
CA ALA B 49 2.11 9.14 7.91
C ALA B 49 3.20 9.26 6.85
N GLY B 50 4.07 8.25 6.76
CA GLY B 50 5.12 8.24 5.76
C GLY B 50 4.77 7.52 4.47
N GLY B 51 3.54 7.00 4.40
CA GLY B 51 3.06 6.31 3.20
C GLY B 51 3.78 5.04 2.83
N GLY B 52 4.51 4.43 3.75
CA GLY B 52 5.41 3.32 3.43
C GLY B 52 6.69 3.70 2.69
N LYS B 53 6.93 4.99 2.56
CA LYS B 53 8.06 5.52 1.82
C LYS B 53 9.05 6.25 2.73
N TYR B 54 8.56 6.90 3.80
CA TYR B 54 9.37 7.82 4.59
C TYR B 54 9.18 7.49 6.06
N SER B 55 9.94 6.52 6.56
CA SER B 55 9.71 6.01 7.91
C SER B 55 9.91 7.02 9.03
N LEU B 56 10.72 8.05 8.82
CA LEU B 56 10.92 9.05 9.86
C LEU B 56 9.66 9.88 10.13
N LEU B 57 8.75 9.97 9.15
CA LEU B 57 7.45 10.61 9.39
C LEU B 57 6.55 9.81 10.32
N ASP B 58 6.87 8.53 10.57
CA ASP B 58 5.99 7.67 11.35
C ASP B 58 6.22 7.73 12.86
N GLU B 59 7.27 8.43 13.30
N GLU B 59 7.26 8.43 13.29
CA GLU B 59 7.46 8.61 14.73
CA GLU B 59 7.49 8.66 14.71
C GLU B 59 6.24 9.33 15.30
C GLU B 59 6.28 9.36 15.31
N GLN B 60 5.92 9.01 16.55
CA GLN B 60 4.74 9.60 17.19
C GLN B 60 4.95 9.73 18.69
N SER B 61 5.04 10.99 19.14
CA SER B 61 5.04 11.30 20.57
C SER B 61 4.35 12.63 20.76
N ALA B 62 4.02 12.96 22.01
CA ALA B 62 3.34 14.20 22.33
C ALA B 62 4.05 15.45 21.83
N SER B 63 5.39 15.46 21.89
N SER B 63 5.39 15.47 21.89
CA SER B 63 6.19 16.65 21.58
CA SER B 63 6.16 16.67 21.56
C SER B 63 6.86 16.63 20.20
C SER B 63 6.97 16.56 20.27
N ARG B 64 6.74 15.53 19.45
CA ARG B 64 7.56 15.32 18.26
C ARG B 64 7.34 16.34 17.16
N TRP B 65 6.08 16.73 16.95
CA TRP B 65 5.70 17.48 15.77
C TRP B 65 5.13 18.85 16.08
N ALA B 66 5.40 19.82 15.22
CA ALA B 66 4.76 21.14 15.29
C ALA B 66 3.26 21.02 14.99
N LYS B 67 2.44 21.73 15.75
CA LYS B 67 0.98 21.61 15.67
C LYS B 67 0.37 22.86 15.09
N VAL B 68 -0.55 22.68 14.15
CA VAL B 68 -1.19 23.79 13.45
C VAL B 68 -2.52 24.11 14.15
N ASP B 69 -2.72 25.39 14.46
CA ASP B 69 -3.95 25.83 15.13
C ASP B 69 -5.14 25.75 14.17
N ILE B 70 -6.19 25.04 14.58
CA ILE B 70 -7.39 24.87 13.78
C ILE B 70 -8.59 25.06 14.70
N GLU B 71 -9.39 26.09 14.46
CA GLU B 71 -10.59 26.28 15.29
C GLU B 71 -11.68 25.31 14.81
N SER B 72 -12.50 24.80 15.74
CA SER B 72 -13.63 23.98 15.36
C SER B 72 -14.58 24.73 14.43
N GLY B 73 -15.31 23.97 13.63
CA GLY B 73 -16.25 24.51 12.66
C GLY B 73 -15.75 24.34 11.22
N PRO B 74 -16.28 25.14 10.28
CA PRO B 74 -15.90 24.99 8.88
C PRO B 74 -14.40 25.22 8.65
N LEU B 75 -13.80 24.41 7.79
CA LEU B 75 -12.39 24.53 7.42
C LEU B 75 -12.27 24.29 5.92
N THR B 76 -11.54 25.16 5.24
CA THR B 76 -11.16 24.92 3.84
C THR B 76 -9.76 24.34 3.82
N VAL B 77 -9.66 23.10 3.33
CA VAL B 77 -8.36 22.45 3.17
C VAL B 77 -7.85 22.75 1.77
N GLU B 78 -6.58 23.14 1.66
CA GLU B 78 -5.96 23.51 0.38
C GLU B 78 -4.81 22.55 0.07
N TRP B 79 -4.92 21.87 -1.08
CA TRP B 79 -3.84 21.03 -1.61
C TRP B 79 -3.11 21.80 -2.70
N THR B 80 -1.78 21.75 -2.65
CA THR B 80 -0.91 22.20 -3.73
C THR B 80 -0.55 20.98 -4.54
N LEU B 81 -1.04 20.91 -5.78
CA LEU B 81 -0.78 19.77 -6.65
C LEU B 81 0.34 20.12 -7.59
N THR B 82 1.50 19.49 -7.40
CA THR B 82 2.66 19.73 -8.27
C THR B 82 2.48 19.04 -9.61
N ALA B 83 1.74 17.93 -9.63
CA ALA B 83 1.35 17.25 -10.85
C ALA B 83 -0.10 16.77 -10.71
N PRO B 84 -1.06 17.62 -11.16
CA PRO B 84 -2.46 17.21 -11.05
C PRO B 84 -2.76 15.96 -11.87
N HIS B 85 -3.63 15.11 -11.35
CA HIS B 85 -4.05 13.87 -12.00
C HIS B 85 -5.56 13.71 -11.87
N LYS B 86 -6.14 12.92 -12.76
CA LYS B 86 -7.54 12.53 -12.67
C LYS B 86 -7.86 12.00 -11.26
N THR B 87 -8.93 12.50 -10.65
CA THR B 87 -9.20 12.28 -9.22
C THR B 87 -10.53 11.58 -9.00
N SER B 88 -10.54 10.55 -8.16
CA SER B 88 -11.78 9.83 -7.81
C SER B 88 -12.41 10.30 -6.49
N SER B 89 -11.61 10.71 -5.50
CA SER B 89 -12.17 11.21 -4.25
C SER B 89 -11.09 11.84 -3.40
N TRP B 90 -11.54 12.58 -2.38
CA TRP B 90 -10.70 13.10 -1.31
C TRP B 90 -11.31 12.54 -0.03
N GLN B 91 -10.49 11.95 0.82
CA GLN B 91 -10.96 11.47 2.13
C GLN B 91 -10.24 12.19 3.23
N TYR B 92 -10.96 12.40 4.34
CA TYR B 92 -10.39 12.92 5.57
C TYR B 92 -10.79 12.05 6.74
N PHE B 93 -9.82 11.78 7.61
CA PHE B 93 -9.99 11.06 8.85
C PHE B 93 -9.41 11.89 9.98
N ILE B 94 -9.84 11.61 11.21
CA ILE B 94 -9.30 12.26 12.38
C ILE B 94 -9.09 11.21 13.44
N THR B 95 -8.07 11.37 14.30
CA THR B 95 -7.95 10.44 15.40
C THR B 95 -9.15 10.56 16.36
N LYS B 96 -9.48 9.43 16.94
CA LYS B 96 -10.61 9.32 17.87
C LYS B 96 -10.34 10.05 19.18
N LYS B 97 -11.40 10.54 19.82
CA LYS B 97 -11.29 10.94 21.21
C LYS B 97 -10.74 9.76 22.00
N GLY B 98 -9.74 10.02 22.82
CA GLY B 98 -9.05 8.97 23.57
C GLY B 98 -7.84 8.36 22.90
N TRP B 99 -7.49 8.82 21.69
CA TRP B 99 -6.31 8.29 21.01
C TRP B 99 -5.06 8.59 21.85
N ASP B 100 -4.05 7.75 21.66
CA ASP B 100 -2.79 7.88 22.43
C ASP B 100 -1.76 8.63 21.56
N PRO B 101 -1.43 9.88 21.94
CA PRO B 101 -0.47 10.67 21.13
C PRO B 101 0.97 10.18 21.20
N ASN B 102 1.23 9.17 22.03
CA ASN B 102 2.56 8.56 22.13
C ASN B 102 2.63 7.18 21.45
N LYS B 103 1.62 6.82 20.64
CA LYS B 103 1.60 5.53 19.94
C LYS B 103 1.37 5.74 18.47
N PRO B 104 1.70 4.73 17.66
CA PRO B 104 1.63 4.90 16.21
C PRO B 104 0.23 5.14 15.67
N LEU B 105 0.19 5.77 14.50
CA LEU B 105 -1.05 6.00 13.77
C LEU B 105 -1.48 4.70 13.07
N THR B 106 -2.73 4.30 13.32
CA THR B 106 -3.30 3.06 12.77
C THR B 106 -4.72 3.30 12.29
N ARG B 107 -5.23 2.33 11.54
CA ARG B 107 -6.66 2.34 11.17
C ARG B 107 -7.58 2.43 12.40
N SER B 108 -7.28 1.65 13.42
N SER B 108 -7.29 1.66 13.43
CA SER B 108 -8.09 1.64 14.65
CA SER B 108 -8.17 1.66 14.60
C SER B 108 -8.18 3.01 15.31
C SER B 108 -8.14 2.96 15.42
N SER B 109 -7.10 3.78 15.24
CA SER B 109 -7.06 5.09 15.87
C SER B 109 -7.85 6.17 15.15
N LEU B 110 -8.31 5.89 13.92
CA LEU B 110 -8.93 6.89 13.05
C LEU B 110 -10.43 6.68 12.92
N GLU B 111 -11.15 7.80 12.80
CA GLU B 111 -12.57 7.82 12.47
C GLU B 111 -12.79 8.74 11.30
N PRO B 112 -13.94 8.59 10.60
CA PRO B 112 -14.22 9.47 9.47
C PRO B 112 -14.35 10.94 9.88
N LEU B 113 -13.86 11.81 9.00
CA LEU B 113 -14.04 13.26 9.13
C LEU B 113 -14.84 13.83 7.95
N ALA B 114 -14.52 13.41 6.72
CA ALA B 114 -15.23 13.84 5.52
C ALA B 114 -14.89 12.93 4.36
N THR B 115 -15.77 12.82 3.38
N THR B 115 -15.80 12.85 3.40
CA THR B 115 -15.42 12.21 2.09
CA THR B 115 -15.51 12.30 2.09
C THR B 115 -16.02 13.05 0.97
C THR B 115 -16.01 13.29 1.07
N ILE B 116 -15.18 13.57 0.07
CA ILE B 116 -15.59 14.41 -1.05
C ILE B 116 -15.42 13.61 -2.31
N GLU B 117 -16.53 13.23 -2.93
CA GLU B 117 -16.45 12.49 -4.17
C GLU B 117 -15.96 13.42 -5.29
N ALA B 118 -15.31 12.82 -6.27
CA ALA B 118 -14.88 13.53 -7.47
C ALA B 118 -15.30 12.73 -8.69
N ASP B 119 -15.33 13.39 -9.84
CA ASP B 119 -15.91 12.81 -11.06
C ASP B 119 -14.89 12.23 -12.04
N GLY B 120 -13.64 12.04 -11.59
CA GLY B 120 -12.60 11.54 -12.46
C GLY B 120 -11.85 12.61 -13.24
N SER B 121 -12.25 13.88 -13.12
CA SER B 121 -11.57 14.95 -13.85
C SER B 121 -10.31 15.39 -13.10
N VAL B 122 -9.50 16.17 -13.79
CA VAL B 122 -8.25 16.69 -13.23
C VAL B 122 -8.57 17.99 -12.47
N PRO B 123 -8.26 18.03 -11.17
CA PRO B 123 -8.54 19.24 -10.38
C PRO B 123 -7.56 20.37 -10.70
N ASN B 124 -7.91 21.56 -10.22
N ASN B 124 -7.89 21.56 -10.20
CA ASN B 124 -7.02 22.74 -10.25
CA ASN B 124 -7.01 22.71 -10.31
C ASN B 124 -5.75 22.45 -9.45
C ASN B 124 -5.75 22.48 -9.45
N ALA B 125 -4.64 23.08 -9.84
CA ALA B 125 -3.36 22.92 -9.11
C ALA B 125 -3.40 23.42 -7.65
N LEU B 126 -4.34 24.32 -7.36
CA LEU B 126 -4.73 24.65 -6.00
C LEU B 126 -6.14 24.08 -5.81
N ALA B 127 -6.21 22.92 -5.16
CA ALA B 127 -7.46 22.17 -5.03
C ALA B 127 -7.96 22.28 -3.60
N LYS B 128 -9.21 22.72 -3.44
CA LYS B 128 -9.75 23.02 -2.12
C LYS B 128 -10.98 22.18 -1.82
N GLN B 129 -11.07 21.69 -0.57
CA GLN B 129 -12.27 21.00 -0.09
C GLN B 129 -12.75 21.64 1.20
N GLU B 130 -14.06 21.73 1.38
CA GLU B 130 -14.67 22.25 2.58
C GLU B 130 -15.06 21.09 3.48
N ILE B 131 -14.56 21.09 4.71
CA ILE B 131 -14.88 20.09 5.72
C ILE B 131 -15.31 20.77 7.00
N ASN B 132 -15.74 19.98 7.99
CA ASN B 132 -16.13 20.53 9.28
C ASN B 132 -15.32 19.86 10.40
N ILE B 133 -14.72 20.68 11.26
CA ILE B 133 -13.90 20.21 12.37
C ILE B 133 -14.77 20.13 13.62
N PRO B 134 -14.80 18.95 14.28
CA PRO B 134 -15.71 18.80 15.41
C PRO B 134 -15.34 19.70 16.60
N ASN B 135 -16.36 19.97 17.40
CA ASN B 135 -16.25 20.83 18.59
C ASN B 135 -16.39 20.01 19.89
N ASP B 136 -16.51 18.69 19.75
CA ASP B 136 -16.58 17.76 20.88
C ASP B 136 -15.25 17.41 21.50
N ARG B 137 -14.18 18.12 21.11
CA ARG B 137 -12.83 17.79 21.53
C ARG B 137 -11.98 19.03 21.38
N SER B 138 -10.83 19.03 22.04
N SER B 138 -10.83 19.01 22.05
CA SER B 138 -9.88 20.10 21.93
CA SER B 138 -9.89 20.15 22.10
C SER B 138 -8.48 19.55 22.06
C SER B 138 -8.47 19.62 22.19
N GLY B 139 -7.53 20.28 21.51
CA GLY B 139 -6.13 19.91 21.60
C GLY B 139 -5.67 19.04 20.46
N TYR B 140 -4.67 18.22 20.77
CA TYR B 140 -3.91 17.54 19.73
C TYR B 140 -4.64 16.32 19.15
N TYR B 141 -4.92 16.40 17.85
CA TYR B 141 -5.49 15.32 17.06
C TYR B 141 -4.73 15.28 15.74
N LEU B 142 -4.62 14.08 15.16
CA LEU B 142 -4.11 13.98 13.78
C LEU B 142 -5.29 14.00 12.82
N ILE B 143 -5.12 14.76 11.73
CA ILE B 143 -6.03 14.71 10.60
C ILE B 143 -5.28 14.09 9.44
N LEU B 144 -5.85 13.06 8.84
CA LEU B 144 -5.28 12.43 7.64
C LEU B 144 -6.10 12.83 6.44
N GLY B 145 -5.46 13.49 5.47
CA GLY B 145 -6.05 13.74 4.16
C GLY B 145 -5.50 12.75 3.15
N VAL B 146 -6.38 12.24 2.29
CA VAL B 146 -6.03 11.28 1.26
C VAL B 146 -6.59 11.77 -0.07
N TRP B 147 -5.71 11.88 -1.06
CA TRP B 147 -6.07 12.28 -2.41
C TRP B 147 -5.99 11.02 -3.28
N ASN B 148 -7.13 10.53 -3.76
CA ASN B 148 -7.21 9.26 -4.50
C ASN B 148 -7.21 9.50 -5.99
N ILE B 149 -6.31 8.81 -6.69
CA ILE B 149 -6.11 8.98 -8.11
C ILE B 149 -7.03 8.02 -8.87
N ALA B 150 -7.75 8.54 -9.85
CA ALA B 150 -8.76 7.77 -10.59
C ALA B 150 -8.18 6.70 -11.50
N ASP B 151 -7.08 7.04 -12.17
CA ASP B 151 -6.57 6.20 -13.28
C ASP B 151 -5.35 5.35 -12.94
N THR B 152 -5.01 5.29 -11.65
CA THR B 152 -3.98 4.40 -11.15
C THR B 152 -4.48 3.78 -9.86
N GLY B 153 -3.68 2.88 -9.29
CA GLY B 153 -3.98 2.34 -7.98
C GLY B 153 -3.48 3.15 -6.79
N ASN B 154 -3.07 4.40 -7.02
N ASN B 154 -3.02 4.38 -6.98
CA ASN B 154 -2.38 5.16 -5.99
CA ASN B 154 -2.38 5.09 -5.89
C ASN B 154 -3.15 6.34 -5.41
C ASN B 154 -3.15 6.31 -5.39
N ALA B 155 -2.62 6.83 -4.30
CA ALA B 155 -3.17 7.94 -3.55
C ALA B 155 -2.00 8.65 -2.86
N PHE B 156 -2.27 9.87 -2.42
CA PHE B 156 -1.29 10.67 -1.67
C PHE B 156 -1.83 10.91 -0.27
N TYR B 157 -0.96 10.69 0.71
CA TYR B 157 -1.30 10.68 2.13
C TYR B 157 -0.65 11.85 2.85
N GLN B 158 -1.49 12.66 3.51
CA GLN B 158 -1.04 13.91 4.15
C GLN B 158 -1.58 14.00 5.56
N VAL B 159 -0.75 13.61 6.53
N VAL B 159 -0.74 13.64 6.53
CA VAL B 159 -1.06 13.79 7.94
CA VAL B 159 -1.11 13.78 7.94
C VAL B 159 -0.81 15.23 8.35
C VAL B 159 -0.77 15.18 8.44
N ILE B 160 -1.74 15.79 9.14
CA ILE B 160 -1.66 17.12 9.75
C ILE B 160 -1.68 16.91 11.26
N ASP B 161 -0.76 17.57 11.96
CA ASP B 161 -0.76 17.63 13.41
C ASP B 161 -1.59 18.84 13.83
N ALA B 162 -2.84 18.59 14.23
CA ALA B 162 -3.78 19.67 14.52
C ALA B 162 -3.86 19.97 16.01
N ASN B 163 -4.00 21.26 16.29
N ASN B 163 -3.93 21.26 16.37
CA ASN B 163 -4.41 21.73 17.61
CA ASN B 163 -4.41 21.65 17.72
C ASN B 163 -5.81 22.29 17.46
C ASN B 163 -5.78 22.28 17.53
N ILE B 164 -6.81 21.50 17.87
CA ILE B 164 -8.21 21.94 17.72
C ILE B 164 -8.58 22.87 18.87
N ILE B 165 -8.99 24.08 18.51
CA ILE B 165 -9.24 25.11 19.50
C ILE B 165 -10.71 25.48 19.53
N ASN B 166 -11.26 25.56 20.74
CA ASN B 166 -12.61 26.07 20.96
C ASN B 166 -12.79 26.58 22.38
#